data_5UR6
#
_entry.id   5UR6
#
_cell.length_a   83.436
_cell.length_b   88.222
_cell.length_c   112.072
_cell.angle_alpha   90.000
_cell.angle_beta   90.000
_cell.angle_gamma   90.000
#
_symmetry.space_group_name_H-M   'F 2 2 2'
#
loop_
_entity.id
_entity.type
_entity.pdbx_description
1 polymer 'Abscisic acid receptor PYR1'
2 non-polymer 'SULFATE ION'
3 non-polymer N-(4-cyano-3-cyclopropylphenyl)-1-(4-methylphenyl)methanesulfonamide
4 water water
#
_entity_poly.entity_id   1
_entity_poly.type   'polypeptide(L)'
_entity_poly.pdbx_seq_one_letter_code
;MPSELTPEERSELKNSIAEFHTYQLDPGSCSSLHAQRIHAPPELVWSIVRRFDKPQTYKHFIKSCSVEQNFEMRVGCTRD
VIVISGLPANTSTERLDILDDERRVTGFSIIGGEHRLTNYKSVTTVHRFEKENRIWTVVLESYVVDMPEGNSEDDTRMFA
DTVVKLNLQKLATVAEAMARN
;
_entity_poly.pdbx_strand_id   A
#
loop_
_chem_comp.id
_chem_comp.type
_chem_comp.name
_chem_comp.formula
8KM non-polymer N-(4-cyano-3-cyclopropylphenyl)-1-(4-methylphenyl)methanesulfonamide 'C18 H18 N2 O2 S'
SO4 non-polymer 'SULFATE ION' 'O4 S -2'
#
# COMPACT_ATOMS: atom_id res chain seq x y z
N PRO A 2 9.16 -6.87 -10.16
CA PRO A 2 8.30 -7.84 -9.47
C PRO A 2 8.22 -9.16 -10.21
N SER A 3 8.71 -10.24 -9.60
CA SER A 3 8.86 -11.53 -10.26
C SER A 3 7.56 -12.31 -10.40
N GLU A 4 6.44 -11.80 -9.88
CA GLU A 4 5.16 -12.48 -10.02
C GLU A 4 4.40 -12.05 -11.27
N LEU A 5 4.69 -10.86 -11.79
CA LEU A 5 3.98 -10.34 -12.95
C LEU A 5 4.35 -11.12 -14.22
N THR A 6 3.36 -11.30 -15.10
CA THR A 6 3.63 -11.87 -16.41
C THR A 6 4.37 -10.84 -17.26
N PRO A 7 5.00 -11.27 -18.36
CA PRO A 7 5.60 -10.29 -19.28
C PRO A 7 4.62 -9.24 -19.77
N GLU A 8 3.38 -9.64 -20.07
CA GLU A 8 2.36 -8.69 -20.53
C GLU A 8 2.00 -7.71 -19.42
N GLU A 9 1.86 -8.19 -18.19
CA GLU A 9 1.58 -7.28 -17.08
C GLU A 9 2.72 -6.30 -16.88
N ARG A 10 3.97 -6.78 -16.93
CA ARG A 10 5.10 -5.87 -16.77
C ARG A 10 5.12 -4.82 -17.87
N SER A 11 4.84 -5.24 -19.11
CA SER A 11 4.81 -4.29 -20.23
C SER A 11 3.74 -3.22 -20.01
N GLU A 12 2.55 -3.62 -19.60
CA GLU A 12 1.47 -2.64 -19.44
C GLU A 12 1.68 -1.76 -18.21
N LEU A 13 2.53 -2.18 -17.27
CA LEU A 13 2.75 -1.39 -16.06
C LEU A 13 4.01 -0.54 -16.11
N LYS A 14 4.80 -0.65 -17.17
CA LYS A 14 6.04 0.12 -17.27
C LYS A 14 5.78 1.61 -17.04
N ASN A 15 4.74 2.13 -17.71
CA ASN A 15 4.40 3.55 -17.55
C ASN A 15 4.11 3.88 -16.09
N SER A 16 3.25 3.10 -15.44
CA SER A 16 2.88 3.41 -14.05
C SER A 16 4.08 3.32 -13.12
N ILE A 17 4.99 2.38 -13.36
CA ILE A 17 6.17 2.28 -12.51
C ILE A 17 7.03 3.52 -12.65
N ALA A 18 7.22 3.99 -13.89
CA ALA A 18 8.00 5.21 -14.13
C ALA A 18 7.31 6.43 -13.54
N GLU A 19 5.99 6.45 -13.59
CA GLU A 19 5.22 7.63 -13.20
C GLU A 19 5.11 7.78 -11.68
N PHE A 20 4.90 6.67 -10.97
CA PHE A 20 4.55 6.76 -9.56
C PHE A 20 5.50 6.03 -8.61
N HIS A 21 6.41 5.20 -9.11
CA HIS A 21 7.17 4.29 -8.25
C HIS A 21 8.68 4.40 -8.45
N THR A 22 9.16 5.55 -8.93
CA THR A 22 10.59 5.78 -9.13
CA THR A 22 10.59 5.77 -9.12
C THR A 22 11.03 6.91 -8.21
N TYR A 23 12.14 6.70 -7.51
CA TYR A 23 12.57 7.61 -6.45
C TYR A 23 13.95 8.19 -6.73
N GLN A 24 14.12 9.46 -6.35
CA GLN A 24 15.44 10.08 -6.16
C GLN A 24 15.85 9.81 -4.73
N LEU A 25 16.67 8.78 -4.53
CA LEU A 25 16.96 8.29 -3.19
C LEU A 25 17.72 9.34 -2.37
N ASP A 26 17.18 9.70 -1.21
CA ASP A 26 17.88 10.54 -0.27
C ASP A 26 19.05 9.78 0.35
N PRO A 27 20.05 10.50 0.90
CA PRO A 27 21.20 9.82 1.52
C PRO A 27 20.82 8.77 2.56
N GLY A 28 21.28 7.53 2.34
CA GLY A 28 21.18 6.45 3.29
C GLY A 28 19.82 5.77 3.35
N SER A 29 19.39 5.16 2.26
CA SER A 29 18.00 4.73 2.15
C SER A 29 17.92 3.32 1.62
N CYS A 30 16.70 2.93 1.28
CA CYS A 30 16.30 1.56 1.02
C CYS A 30 14.92 1.64 0.39
N SER A 31 14.74 1.06 -0.79
CA SER A 31 13.47 1.13 -1.48
C SER A 31 13.18 -0.17 -2.21
N SER A 32 11.90 -0.49 -2.34
CA SER A 32 11.49 -1.71 -3.00
C SER A 32 10.10 -1.53 -3.59
N LEU A 33 9.82 -2.29 -4.64
CA LEU A 33 8.52 -2.32 -5.30
C LEU A 33 7.97 -3.73 -5.21
N HIS A 34 6.69 -3.86 -4.84
CA HIS A 34 6.00 -5.15 -4.75
C HIS A 34 4.72 -5.12 -5.56
N ALA A 35 4.36 -6.27 -6.12
CA ALA A 35 3.15 -6.38 -6.93
C ALA A 35 2.27 -7.48 -6.38
N GLN A 36 0.95 -7.32 -6.58
CA GLN A 36 -0.01 -8.34 -6.18
C GLN A 36 -1.12 -8.41 -7.22
N ARG A 37 -1.29 -9.59 -7.80
CA ARG A 37 -2.44 -9.84 -8.67
C ARG A 37 -3.66 -10.14 -7.83
N ILE A 38 -4.79 -9.54 -8.19
CA ILE A 38 -6.03 -9.70 -7.45
C ILE A 38 -7.15 -10.02 -8.43
N HIS A 39 -7.86 -11.10 -8.17
CA HIS A 39 -8.90 -11.56 -9.09
C HIS A 39 -10.24 -10.96 -8.66
N ALA A 40 -10.32 -9.64 -8.85
CA ALA A 40 -11.48 -8.85 -8.50
C ALA A 40 -11.43 -7.58 -9.33
N PRO A 41 -12.54 -6.85 -9.45
CA PRO A 41 -12.53 -5.63 -10.26
C PRO A 41 -11.69 -4.54 -9.63
N PRO A 42 -10.97 -3.76 -10.43
CA PRO A 42 -10.13 -2.71 -9.83
C PRO A 42 -10.90 -1.66 -9.06
N GLU A 43 -12.16 -1.38 -9.45
CA GLU A 43 -12.91 -0.40 -8.67
C GLU A 43 -13.17 -0.89 -7.26
N LEU A 44 -13.35 -2.21 -7.10
CA LEU A 44 -13.55 -2.77 -5.78
C LEU A 44 -12.26 -2.71 -4.97
N VAL A 45 -11.15 -3.12 -5.59
CA VAL A 45 -9.85 -3.07 -4.92
C VAL A 45 -9.55 -1.66 -4.45
N TRP A 46 -9.80 -0.67 -5.32
CA TRP A 46 -9.52 0.72 -4.96
C TRP A 46 -10.41 1.17 -3.80
N SER A 47 -11.69 0.78 -3.80
CA SER A 47 -12.58 1.21 -2.74
C SER A 47 -12.09 0.74 -1.37
N ILE A 48 -11.36 -0.37 -1.33
CA ILE A 48 -10.84 -0.88 -0.06
C ILE A 48 -9.58 -0.13 0.34
N VAL A 49 -8.60 -0.06 -0.57
CA VAL A 49 -7.27 0.41 -0.18
C VAL A 49 -7.23 1.93 -0.03
N ARG A 50 -8.20 2.65 -0.60
CA ARG A 50 -8.18 4.11 -0.45
C ARG A 50 -8.61 4.56 0.94
N ARG A 51 -9.11 3.66 1.78
CA ARG A 51 -9.64 4.07 3.08
C ARG A 51 -8.48 4.23 4.06
N PHE A 52 -7.89 5.43 4.03
CA PHE A 52 -6.76 5.76 4.90
C PHE A 52 -7.10 5.59 6.36
N ASP A 53 -8.37 5.80 6.74
CA ASP A 53 -8.73 5.71 8.14
C ASP A 53 -8.90 4.28 8.64
N LYS A 54 -8.90 3.28 7.75
CA LYS A 54 -9.21 1.90 8.13
C LYS A 54 -8.16 0.90 7.63
N PRO A 55 -6.87 1.14 7.90
CA PRO A 55 -5.86 0.21 7.38
C PRO A 55 -5.98 -1.18 7.94
N GLN A 56 -6.57 -1.33 9.13
CA GLN A 56 -6.70 -2.64 9.72
C GLN A 56 -7.60 -3.55 8.91
N THR A 57 -8.40 -3.00 7.99
CA THR A 57 -9.29 -3.84 7.19
C THR A 57 -8.58 -4.47 6.00
N TYR A 58 -7.35 -4.04 5.69
CA TYR A 58 -6.63 -4.66 4.59
C TYR A 58 -5.16 -4.87 4.92
N LYS A 59 -4.77 -4.73 6.19
CA LYS A 59 -3.39 -4.95 6.60
C LYS A 59 -3.37 -5.80 7.85
N HIS A 60 -2.25 -6.49 8.02
CA HIS A 60 -1.97 -7.25 9.23
C HIS A 60 -1.37 -6.35 10.31
N PHE A 61 -1.25 -6.90 11.51
CA PHE A 61 -0.43 -6.40 12.62
C PHE A 61 -0.96 -5.15 13.29
N ILE A 62 -2.19 -4.73 13.03
CA ILE A 62 -2.71 -3.48 13.59
C ILE A 62 -3.68 -3.82 14.71
N LYS A 63 -3.33 -3.41 15.94
CA LYS A 63 -4.24 -3.58 17.06
C LYS A 63 -5.40 -2.60 16.98
N SER A 64 -5.11 -1.35 16.65
CA SER A 64 -6.15 -0.34 16.52
C SER A 64 -5.62 0.80 15.67
N CYS A 65 -6.56 1.53 15.04
CA CYS A 65 -6.21 2.72 14.29
C CYS A 65 -7.24 3.78 14.61
N SER A 66 -6.78 4.92 15.11
CA SER A 66 -7.65 6.02 15.50
C SER A 66 -7.41 7.22 14.60
N VAL A 67 -8.50 7.96 14.35
CA VAL A 67 -8.44 9.24 13.67
C VAL A 67 -9.24 10.23 14.50
N GLU A 68 -9.01 11.51 14.25
CA GLU A 68 -9.64 12.54 15.07
C GLU A 68 -11.15 12.59 14.83
N GLN A 69 -11.86 13.18 15.79
CA GLN A 69 -13.28 13.41 15.63
C GLN A 69 -13.55 14.31 14.44
N ASN A 70 -14.64 14.05 13.73
CA ASN A 70 -14.98 14.76 12.50
C ASN A 70 -13.85 14.64 11.48
N PHE A 71 -13.30 13.44 11.39
CA PHE A 71 -12.26 13.15 10.41
C PHE A 71 -12.73 13.41 9.00
N GLU A 72 -11.85 14.00 8.20
CA GLU A 72 -12.10 14.23 6.77
C GLU A 72 -10.88 13.71 6.01
N MET A 73 -11.11 12.78 5.10
CA MET A 73 -9.99 12.16 4.39
C MET A 73 -9.52 13.09 3.28
N ARG A 74 -8.43 13.80 3.54
CA ARG A 74 -7.81 14.71 2.59
C ARG A 74 -6.33 14.73 2.89
N VAL A 75 -5.54 15.17 1.91
CA VAL A 75 -4.09 15.21 2.11
C VAL A 75 -3.77 16.02 3.35
N GLY A 76 -2.89 15.47 4.20
CA GLY A 76 -2.53 16.09 5.44
C GLY A 76 -3.23 15.52 6.66
N CYS A 77 -4.31 14.77 6.46
CA CYS A 77 -4.96 14.14 7.60
C CYS A 77 -4.04 13.05 8.14
N THR A 78 -4.26 12.66 9.40
CA THR A 78 -3.38 11.70 10.02
C THR A 78 -4.16 10.57 10.68
N ARG A 79 -3.44 9.50 10.96
CA ARG A 79 -3.99 8.37 11.69
C ARG A 79 -2.97 7.91 12.73
N ASP A 80 -3.48 7.43 13.87
CA ASP A 80 -2.64 6.92 14.96
C ASP A 80 -2.82 5.41 15.03
N VAL A 81 -1.77 4.67 14.68
CA VAL A 81 -1.80 3.21 14.65
C VAL A 81 -1.13 2.67 15.91
N ILE A 82 -1.75 1.66 16.51
CA ILE A 82 -1.14 0.89 17.57
C ILE A 82 -0.90 -0.51 17.03
N VAL A 83 0.35 -0.95 17.08
CA VAL A 83 0.75 -2.24 16.54
C VAL A 83 0.48 -3.34 17.55
N ILE A 84 0.14 -4.53 17.06
CA ILE A 84 -0.01 -5.67 17.97
C ILE A 84 1.34 -5.97 18.63
N SER A 85 1.27 -6.66 19.77
CA SER A 85 2.49 -6.92 20.53
C SER A 85 3.38 -7.92 19.79
N GLY A 86 4.66 -7.90 20.15
CA GLY A 86 5.60 -8.88 19.64
C GLY A 86 6.31 -8.52 18.37
N LEU A 87 6.29 -7.25 17.96
CA LEU A 87 6.90 -6.78 16.72
C LEU A 87 7.92 -5.68 17.02
N PRO A 88 8.78 -5.30 16.06
CA PRO A 88 9.77 -4.25 16.34
C PRO A 88 9.18 -2.86 16.24
N ALA A 89 7.92 -2.70 16.64
CA ALA A 89 7.24 -1.42 16.55
C ALA A 89 6.07 -1.42 17.53
N ASN A 90 5.79 -0.26 18.12
CA ASN A 90 4.69 -0.15 19.06
C ASN A 90 3.59 0.77 18.56
N THR A 91 3.96 1.94 18.05
CA THR A 91 2.99 2.94 17.60
C THR A 91 3.51 3.61 16.34
N SER A 92 2.59 4.17 15.57
CA SER A 92 2.97 4.91 14.38
C SER A 92 1.93 5.99 14.10
N THR A 93 2.41 7.20 13.87
CA THR A 93 1.58 8.30 13.39
C THR A 93 1.86 8.51 11.91
N GLU A 94 0.81 8.50 11.10
CA GLU A 94 0.98 8.48 9.65
C GLU A 94 0.12 9.57 9.02
N ARG A 95 0.63 10.14 7.94
CA ARG A 95 0.00 11.26 7.25
C ARG A 95 -0.36 10.84 5.84
N LEU A 96 -1.56 11.23 5.39
CA LEU A 96 -1.97 10.96 4.02
C LEU A 96 -1.28 11.97 3.10
N ASP A 97 -0.44 11.47 2.18
CA ASP A 97 0.38 12.34 1.34
C ASP A 97 -0.26 12.65 0.00
N ILE A 98 -0.94 11.67 -0.60
CA ILE A 98 -1.53 11.81 -1.92
C ILE A 98 -2.79 10.98 -1.95
N LEU A 99 -3.85 11.55 -2.52
CA LEU A 99 -5.09 10.81 -2.77
C LEU A 99 -5.55 11.24 -4.14
N ASP A 100 -5.45 10.33 -5.11
CA ASP A 100 -5.87 10.58 -6.49
C ASP A 100 -6.87 9.49 -6.84
N ASP A 101 -8.14 9.79 -6.63
CA ASP A 101 -9.19 8.83 -6.94
C ASP A 101 -9.31 8.60 -8.43
N GLU A 102 -9.01 9.61 -9.26
CA GLU A 102 -9.19 9.45 -10.70
C GLU A 102 -8.14 8.52 -11.29
N ARG A 103 -6.90 8.60 -10.79
CA ARG A 103 -5.79 7.81 -11.29
C ARG A 103 -5.50 6.59 -10.43
N ARG A 104 -6.20 6.45 -9.31
CA ARG A 104 -6.04 5.36 -8.35
C ARG A 104 -4.60 5.29 -7.83
N VAL A 105 -4.18 6.39 -7.22
CA VAL A 105 -2.88 6.54 -6.57
C VAL A 105 -3.12 7.05 -5.16
N THR A 106 -2.50 6.41 -4.17
CA THR A 106 -2.52 6.97 -2.83
C THR A 106 -1.20 6.68 -2.14
N GLY A 107 -0.87 7.47 -1.13
CA GLY A 107 0.42 7.31 -0.48
C GLY A 107 0.42 7.95 0.87
N PHE A 108 1.30 7.48 1.75
CA PHE A 108 1.36 8.01 3.11
C PHE A 108 2.79 8.05 3.59
N SER A 109 3.00 8.81 4.66
CA SER A 109 4.30 8.93 5.30
C SER A 109 4.17 8.70 6.79
N ILE A 110 5.19 8.07 7.38
CA ILE A 110 5.28 7.97 8.82
C ILE A 110 5.87 9.27 9.36
N ILE A 111 5.17 9.89 10.31
CA ILE A 111 5.60 11.18 10.86
C ILE A 111 5.81 11.11 12.37
N GLY A 112 5.73 9.93 12.97
CA GLY A 112 6.01 9.79 14.38
C GLY A 112 5.80 8.37 14.82
N GLY A 113 6.08 8.12 16.09
CA GLY A 113 5.79 6.85 16.73
C GLY A 113 7.05 6.13 17.19
N GLU A 114 6.81 5.04 17.93
CA GLU A 114 7.88 4.19 18.44
C GLU A 114 8.04 3.00 17.50
N HIS A 115 9.05 3.07 16.63
CA HIS A 115 9.34 2.06 15.61
C HIS A 115 10.74 2.36 15.06
N ARG A 116 11.18 1.53 14.11
CA ARG A 116 12.50 1.67 13.51
C ARG A 116 12.48 2.01 12.03
N LEU A 117 11.39 2.59 11.53
CA LEU A 117 11.24 2.89 10.11
C LEU A 117 11.21 4.40 9.88
N THR A 118 12.31 5.07 10.19
CA THR A 118 12.31 6.52 10.04
C THR A 118 12.23 6.91 8.57
N ASN A 119 11.47 7.97 8.31
CA ASN A 119 11.27 8.53 6.98
C ASN A 119 10.71 7.51 6.00
N TYR A 120 9.91 6.58 6.52
CA TYR A 120 9.15 5.67 5.67
C TYR A 120 8.08 6.42 4.89
N LYS A 121 8.03 6.17 3.58
CA LYS A 121 6.99 6.74 2.74
C LYS A 121 6.58 5.67 1.75
N SER A 122 5.27 5.51 1.54
CA SER A 122 4.73 4.45 0.69
C SER A 122 3.81 5.05 -0.37
N VAL A 123 3.78 4.43 -1.55
CA VAL A 123 2.85 4.78 -2.62
C VAL A 123 2.20 3.51 -3.14
N THR A 124 0.87 3.53 -3.29
CA THR A 124 0.10 2.37 -3.75
C THR A 124 -0.70 2.77 -4.99
N THR A 125 -0.65 1.95 -6.03
CA THR A 125 -1.45 2.23 -7.22
C THR A 125 -2.21 0.96 -7.61
N VAL A 126 -3.38 1.14 -8.21
CA VAL A 126 -4.30 0.04 -8.53
C VAL A 126 -4.57 0.06 -10.03
N HIS A 127 -4.46 -1.09 -10.68
CA HIS A 127 -4.39 -1.17 -12.14
C HIS A 127 -5.39 -2.17 -12.70
N ARG A 128 -6.11 -1.74 -13.73
CA ARG A 128 -7.07 -2.57 -14.43
C ARG A 128 -6.40 -3.37 -15.54
N PHE A 129 -6.72 -4.66 -15.59
CA PHE A 129 -6.36 -5.54 -16.68
C PHE A 129 -7.61 -6.18 -17.27
N GLU A 130 -7.62 -6.28 -18.59
CA GLU A 130 -8.74 -6.87 -19.30
C GLU A 130 -8.17 -7.68 -20.46
N LYS A 131 -8.70 -8.88 -20.65
CA LYS A 131 -8.31 -9.71 -21.79
C LYS A 131 -9.45 -10.67 -22.06
N GLU A 132 -10.00 -10.61 -23.27
CA GLU A 132 -11.20 -11.39 -23.64
C GLU A 132 -12.28 -11.04 -22.62
N ASN A 133 -12.91 -12.02 -21.97
CA ASN A 133 -13.99 -11.76 -21.04
C ASN A 133 -13.51 -11.74 -19.59
N ARG A 134 -12.22 -11.53 -19.35
CA ARG A 134 -11.67 -11.51 -18.01
C ARG A 134 -11.26 -10.09 -17.62
N ILE A 135 -11.57 -9.70 -16.39
CA ILE A 135 -11.13 -8.43 -15.82
C ILE A 135 -10.44 -8.74 -14.49
N TRP A 136 -9.24 -8.24 -14.31
CA TRP A 136 -8.54 -8.45 -13.03
C TRP A 136 -7.74 -7.20 -12.68
N THR A 137 -7.11 -7.24 -11.51
CA THR A 137 -6.40 -6.11 -10.94
C THR A 137 -4.96 -6.48 -10.63
N VAL A 138 -4.05 -5.53 -10.81
CA VAL A 138 -2.74 -5.61 -10.19
C VAL A 138 -2.57 -4.40 -9.29
N VAL A 139 -2.11 -4.63 -8.06
CA VAL A 139 -1.74 -3.55 -7.15
C VAL A 139 -0.22 -3.47 -7.11
N LEU A 140 0.30 -2.24 -7.20
CA LEU A 140 1.72 -1.97 -7.02
C LEU A 140 1.90 -1.15 -5.76
N GLU A 141 2.85 -1.56 -4.92
CA GLU A 141 3.16 -0.75 -3.74
C GLU A 141 4.66 -0.64 -3.60
N SER A 142 5.14 0.59 -3.46
CA SER A 142 6.57 0.83 -3.28
C SER A 142 6.76 1.63 -2.00
N TYR A 143 7.97 1.55 -1.45
CA TYR A 143 8.29 2.37 -0.29
C TYR A 143 9.73 2.84 -0.40
N VAL A 144 10.04 3.87 0.35
CA VAL A 144 11.41 4.26 0.65
C VAL A 144 11.47 4.47 2.14
N VAL A 145 12.64 4.16 2.72
CA VAL A 145 12.81 4.23 4.16
C VAL A 145 14.30 4.37 4.44
N ASP A 146 14.63 4.95 5.60
CA ASP A 146 16.02 5.09 5.99
C ASP A 146 16.67 3.73 6.22
N MET A 147 17.97 3.68 5.89
CA MET A 147 18.88 2.57 6.13
C MET A 147 18.39 1.25 5.51
N ASP A 155 18.32 -6.79 6.96
CA ASP A 155 17.24 -7.09 7.90
C ASP A 155 16.08 -6.11 7.79
N THR A 156 16.41 -4.81 7.71
CA THR A 156 15.37 -3.79 7.53
C THR A 156 14.56 -4.06 6.27
N ARG A 157 15.24 -4.21 5.13
CA ARG A 157 14.52 -4.46 3.89
C ARG A 157 13.75 -5.77 3.97
N MET A 158 14.32 -6.79 4.61
CA MET A 158 13.65 -8.07 4.73
C MET A 158 12.35 -7.94 5.54
N PHE A 159 12.41 -7.24 6.67
CA PHE A 159 11.21 -7.03 7.48
C PHE A 159 10.15 -6.23 6.74
N ALA A 160 10.55 -5.09 6.15
CA ALA A 160 9.58 -4.23 5.47
C ALA A 160 9.01 -4.90 4.23
N ASP A 161 9.85 -5.59 3.45
CA ASP A 161 9.34 -6.31 2.30
C ASP A 161 8.33 -7.37 2.69
N THR A 162 8.62 -8.13 3.76
CA THR A 162 7.71 -9.22 4.12
C THR A 162 6.38 -8.68 4.59
N VAL A 163 6.38 -7.57 5.35
CA VAL A 163 5.13 -6.97 5.78
C VAL A 163 4.33 -6.45 4.59
N VAL A 164 4.99 -5.73 3.68
CA VAL A 164 4.27 -5.19 2.53
C VAL A 164 3.67 -6.34 1.72
N LYS A 165 4.43 -7.43 1.55
CA LYS A 165 3.94 -8.57 0.80
C LYS A 165 2.72 -9.19 1.49
N LEU A 166 2.80 -9.39 2.80
CA LEU A 166 1.67 -10.00 3.51
C LEU A 166 0.44 -9.11 3.46
N ASN A 167 0.63 -7.79 3.55
CA ASN A 167 -0.51 -6.88 3.51
C ASN A 167 -1.14 -6.84 2.13
N LEU A 168 -0.33 -6.88 1.07
CA LEU A 168 -0.92 -6.97 -0.26
C LEU A 168 -1.72 -8.25 -0.41
N GLN A 169 -1.25 -9.34 0.21
CA GLN A 169 -1.98 -10.59 0.16
C GLN A 169 -3.31 -10.47 0.91
N LYS A 170 -3.32 -9.80 2.06
CA LYS A 170 -4.59 -9.62 2.76
C LYS A 170 -5.56 -8.80 1.92
N LEU A 171 -5.07 -7.72 1.32
CA LEU A 171 -5.91 -6.94 0.41
C LEU A 171 -6.51 -7.84 -0.67
N ALA A 172 -5.70 -8.72 -1.25
CA ALA A 172 -6.21 -9.64 -2.27
C ALA A 172 -7.29 -10.54 -1.71
N THR A 173 -7.08 -11.09 -0.52
CA THR A 173 -8.06 -11.99 0.08
CA THR A 173 -8.07 -11.99 0.08
C THR A 173 -9.39 -11.27 0.35
N VAL A 174 -9.33 -10.04 0.87
CA VAL A 174 -10.54 -9.28 1.15
C VAL A 174 -11.30 -8.98 -0.13
N ALA A 175 -10.61 -8.46 -1.15
CA ALA A 175 -11.27 -8.11 -2.40
C ALA A 175 -11.86 -9.33 -3.07
N GLU A 176 -11.14 -10.44 -3.06
CA GLU A 176 -11.66 -11.65 -3.70
C GLU A 176 -12.86 -12.20 -2.95
N ALA A 177 -12.89 -12.08 -1.61
CA ALA A 177 -14.08 -12.48 -0.85
C ALA A 177 -15.28 -11.62 -1.23
N MET A 178 -15.07 -10.32 -1.41
CA MET A 178 -16.18 -9.42 -1.76
C MET A 178 -16.65 -9.65 -3.19
N ALA A 179 -15.76 -10.13 -4.07
CA ALA A 179 -16.12 -10.26 -5.48
C ALA A 179 -16.83 -11.57 -5.82
N ARG A 180 -16.96 -12.50 -4.88
CA ARG A 180 -17.60 -13.78 -5.17
C ARG A 180 -19.04 -13.61 -5.63
N ASN A 181 -19.37 -14.26 -6.75
CA ASN A 181 -20.72 -14.26 -7.30
C ASN A 181 -21.65 -15.19 -6.55
S SO4 B . -0.40 -14.89 -3.26
O1 SO4 B . -0.78 -15.13 -4.65
O2 SO4 B . -1.34 -13.95 -2.66
O3 SO4 B . -0.42 -16.15 -2.51
O4 SO4 B . 0.95 -14.33 -3.21
S SO4 C . -14.62 9.83 1.00
O1 SO4 C . -14.70 8.37 0.89
O2 SO4 C . -15.97 10.38 1.10
O3 SO4 C . -13.95 10.38 -0.17
O4 SO4 C . -13.86 10.18 2.21
S SO4 D . -16.68 3.86 -2.27
O1 SO4 D . -17.25 2.63 -2.82
O2 SO4 D . -17.52 5.00 -2.64
O3 SO4 D . -15.34 4.06 -2.80
O4 SO4 D . -16.63 3.76 -0.82
S SO4 E . -11.06 2.77 -15.04
O1 SO4 E . -11.82 2.98 -16.28
O2 SO4 E . -11.83 1.90 -14.16
O3 SO4 E . -9.78 2.14 -15.35
O4 SO4 E . -10.83 4.05 -14.40
S SO4 F . -9.18 -13.85 -13.81
S SO4 F . -11.58 -14.71 -12.55
O1 SO4 F . -10.14 -13.14 -14.65
O1 SO4 F . -12.62 -14.91 -13.56
O2 SO4 F . -9.71 -15.18 -13.50
O2 SO4 F . -11.10 -16.00 -12.08
O3 SO4 F . -7.91 -14.02 -14.53
O3 SO4 F . -10.46 -13.98 -13.14
O4 SO4 F . -8.96 -13.11 -12.58
O4 SO4 F . -12.13 -13.94 -11.44
S SO4 G . -5.40 7.79 -15.21
O1 SO4 G . -5.85 7.77 -16.59
O2 SO4 G . -6.47 8.39 -14.42
O3 SO4 G . -4.18 8.55 -15.09
O4 SO4 G . -5.20 6.41 -14.76
CAH 8KM H . 4.07 -3.79 10.59
CAI 8KM H . 3.76 -3.68 12.07
CAG 8KM H . 4.76 -2.73 11.42
CAA 8KM H . 4.43 -1.24 11.26
CAB 8KM H . 3.14 -0.79 10.94
CAF 8KM H . 5.46 -0.33 11.43
CAJ 8KM H . 6.77 -0.81 11.75
NAK 8KM H . 7.78 -1.19 12.01
CAE 8KM H . 5.24 1.03 11.30
CAD 8KM H . 3.96 1.47 10.99
CAC 8KM H . 2.91 0.57 10.80
NAL 8KM H . 1.61 1.14 10.48
SAM 8KM H . 0.60 0.52 9.33
OAW 8KM H . -0.69 1.12 9.52
OAV 8KM H . 0.67 -0.90 9.35
CAN 8KM H . 1.16 1.05 7.71
CAO 8KM H . 2.50 0.43 7.40
CAT 8KM H . 2.55 -0.82 6.79
CAS 8KM H . 3.77 -1.40 6.50
CAR 8KM H . 4.96 -0.75 6.81
CAU 8KM H . 6.28 -1.43 6.48
CAQ 8KM H . 4.91 0.49 7.43
CAP 8KM H . 3.68 1.08 7.71
#